data_4PQA
#
_entry.id   4PQA
#
_cell.length_a   116.921
_cell.length_b   151.487
_cell.length_c   55.098
_cell.angle_alpha   90.00
_cell.angle_beta   90.00
_cell.angle_gamma   90.00
#
_symmetry.space_group_name_H-M   'C 2 2 21'
#
loop_
_entity.id
_entity.type
_entity.pdbx_description
1 polymer 'Succinyl-diaminopimelate desuccinylase'
2 non-polymer L-CAPTOPRIL
3 non-polymer 'SULFATE ION'
4 non-polymer 'ZINC ION'
5 water water
#
_entity_poly.entity_id   1
_entity_poly.type   'polypeptide(L)'
_entity_poly.pdbx_seq_one_letter_code
;MTETQSLELAKELISRPSVTPDDRDCQKLLAERLHKIGFAAEELHFGDTKNIWLRRGTKAPVVCFAGHTDVVPTGPVEKW
DSPPFEPAERDGRLYGRGAADMKTSIACFVTACERFVAKHPNHQGSIALLITSDEEGDALDGTTKVVDVLKARDELIDYC
IVGEPTAVDKLGDMIKNGRRGSLSGNLTVKGKQGHIAYPHLAINPVHTFAPALLELTQEVWDEGNEYFPPTSFQISNING
GTGATNVIPGELNVKFNFRFSTESTEAGLKQRVHAILDKHGVQYDLQWSCSGQPFLTQAGKLTDVARAAIAETCGIEAEL
STTGGTSDGRFIKAIAQELIELGPSNATIHQINENVRLNDIPKLSAVYEGILARLLAGNAV
;
_entity_poly.pdbx_strand_id   A
#
loop_
_chem_comp.id
_chem_comp.type
_chem_comp.name
_chem_comp.formula
SO4 non-polymer 'SULFATE ION' 'O4 S -2'
X8Z non-polymer L-CAPTOPRIL 'C9 H15 N O3 S'
ZN non-polymer 'ZINC ION' 'Zn 2'
#
# COMPACT_ATOMS: atom_id res chain seq x y z
N THR A 2 -8.76 4.61 27.36
CA THR A 2 -7.89 4.50 28.55
C THR A 2 -6.55 5.30 28.43
N GLU A 3 -5.46 4.64 28.09
CA GLU A 3 -4.18 5.28 27.81
C GLU A 3 -4.29 6.39 26.74
N THR A 4 -3.43 7.42 26.85
CA THR A 4 -3.40 8.53 25.91
C THR A 4 -2.02 8.65 25.36
N GLN A 5 -1.17 7.70 25.67
CA GLN A 5 0.16 7.63 25.11
C GLN A 5 0.18 7.47 23.57
N SER A 6 -0.66 6.61 23.04
CA SER A 6 -0.78 6.48 21.58
C SER A 6 -1.12 7.84 20.92
N LEU A 7 -2.16 8.52 21.39
CA LEU A 7 -2.56 9.84 20.87
C LEU A 7 -1.40 10.82 20.92
N GLU A 8 -0.72 10.86 22.03
CA GLU A 8 0.35 11.85 22.22
C GLU A 8 1.48 11.59 21.29
N LEU A 9 1.84 10.32 21.09
CA LEU A 9 2.88 10.01 20.12
C LEU A 9 2.44 10.25 18.65
N ALA A 10 1.19 9.93 18.34
CA ALA A 10 0.68 10.20 16.99
C ALA A 10 0.77 11.69 16.70
N LYS A 11 0.33 12.53 17.62
CA LYS A 11 0.50 14.01 17.46
C LYS A 11 1.94 14.42 17.16
N GLU A 12 2.85 13.89 17.94
CA GLU A 12 4.26 14.26 17.78
C GLU A 12 4.78 13.85 16.40
N LEU A 13 4.42 12.63 15.95
CA LEU A 13 4.74 12.23 14.60
C LEU A 13 4.10 13.10 13.50
N ILE A 14 2.80 13.42 13.65
CA ILE A 14 2.07 14.13 12.61
C ILE A 14 2.66 15.55 12.50
N SER A 15 3.19 16.05 13.62
CA SER A 15 3.75 17.45 13.58
C SER A 15 5.01 17.59 12.74
N ARG A 16 5.67 16.49 12.40
CA ARG A 16 6.86 16.54 11.53
C ARG A 16 6.51 16.36 10.07
N PRO A 17 6.87 17.37 9.25
CA PRO A 17 6.50 17.40 7.81
C PRO A 17 7.33 16.50 6.90
N SER A 18 7.15 15.18 7.10
CA SER A 18 7.91 14.17 6.43
C SER A 18 7.36 13.80 5.05
N VAL A 19 7.27 14.81 4.20
CA VAL A 19 6.91 14.61 2.85
C VAL A 19 8.00 13.81 2.16
N THR A 20 7.61 12.79 1.37
CA THR A 20 8.55 11.83 0.76
C THR A 20 9.71 12.53 0.02
N PRO A 21 10.95 12.04 0.20
CA PRO A 21 11.38 10.93 1.05
C PRO A 21 12.04 11.39 2.32
N ASP A 22 11.68 12.58 2.80
CA ASP A 22 12.24 13.06 4.01
C ASP A 22 11.55 12.50 5.29
N ASP A 23 12.36 12.22 6.29
CA ASP A 23 11.87 11.55 7.50
C ASP A 23 11.70 12.51 8.67
N ARG A 24 12.38 13.67 8.62
CA ARG A 24 12.33 14.66 9.69
C ARG A 24 12.55 14.05 11.07
N ASP A 25 13.43 13.07 11.13
CA ASP A 25 13.78 12.39 12.38
C ASP A 25 12.70 11.56 13.09
N CYS A 26 11.64 11.22 12.37
CA CYS A 26 10.63 10.30 12.93
C CYS A 26 11.27 8.97 13.33
N GLN A 27 12.15 8.44 12.48
CA GLN A 27 12.77 7.14 12.71
C GLN A 27 13.74 7.17 13.92
N LYS A 28 14.43 8.30 14.09
CA LYS A 28 15.23 8.54 15.29
C LYS A 28 14.41 8.56 16.53
N LEU A 29 13.28 9.25 16.48
CA LEU A 29 12.42 9.33 17.64
C LEU A 29 11.91 7.90 18.01
N LEU A 30 11.53 7.14 17.00
CA LEU A 30 11.05 5.75 17.27
C LEU A 30 12.15 4.89 17.86
N ALA A 31 13.33 4.94 17.24
CA ALA A 31 14.52 4.15 17.64
C ALA A 31 14.93 4.43 19.07
N GLU A 32 15.00 5.70 19.43
CA GLU A 32 15.41 6.08 20.78
C GLU A 32 14.38 5.71 21.81
N ARG A 33 13.12 5.80 21.45
CA ARG A 33 12.08 5.46 22.40
C ARG A 33 12.07 3.92 22.68
N LEU A 34 12.18 3.12 21.63
CA LEU A 34 12.09 1.67 21.82
C LEU A 34 13.42 1.05 22.27
N HIS A 35 14.52 1.76 22.01
CA HIS A 35 15.79 1.38 22.66
C HIS A 35 15.65 1.17 24.16
N LYS A 36 14.79 1.92 24.80
CA LYS A 36 14.63 1.81 26.26
C LYS A 36 14.05 0.46 26.74
N ILE A 37 13.44 -0.32 25.84
CA ILE A 37 12.90 -1.63 26.18
C ILE A 37 13.47 -2.67 25.29
N GLY A 38 14.70 -2.44 24.87
CA GLY A 38 15.55 -3.45 24.32
C GLY A 38 15.41 -3.71 22.84
N PHE A 39 14.92 -2.73 22.08
CA PHE A 39 15.04 -2.81 20.63
C PHE A 39 16.40 -2.26 20.19
N ALA A 40 17.16 -3.09 19.50
CA ALA A 40 18.31 -2.69 18.77
C ALA A 40 17.89 -2.05 17.45
N ALA A 41 18.59 -0.98 17.08
CA ALA A 41 18.35 -0.18 15.88
C ALA A 41 19.40 -0.36 14.83
N GLU A 42 18.97 -0.64 13.62
CA GLU A 42 19.83 -0.77 12.48
C GLU A 42 19.33 0.13 11.38
N GLU A 43 20.12 1.17 11.11
CA GLU A 43 19.85 2.15 10.07
C GLU A 43 20.24 1.60 8.73
N LEU A 44 19.32 1.63 7.75
CA LEU A 44 19.60 1.17 6.40
C LEU A 44 19.23 2.21 5.35
N HIS A 45 20.11 3.18 5.16
CA HIS A 45 19.88 4.28 4.25
C HIS A 45 20.22 3.83 2.86
N PHE A 46 19.46 4.28 1.88
CA PHE A 46 19.78 4.03 0.49
C PHE A 46 19.37 5.26 -0.29
N GLY A 47 20.26 5.79 -1.13
CA GLY A 47 19.97 7.05 -1.90
C GLY A 47 19.47 8.11 -0.96
N ASP A 48 18.33 8.73 -1.30
CA ASP A 48 17.77 9.75 -0.37
C ASP A 48 16.71 9.21 0.61
N THR A 49 16.60 7.90 0.69
CA THR A 49 15.54 7.30 1.52
C THR A 49 16.13 6.81 2.84
N LYS A 50 15.46 7.03 3.96
CA LYS A 50 15.88 6.48 5.24
C LYS A 50 15.05 5.24 5.58
N ASN A 51 15.71 4.21 6.08
CA ASN A 51 14.98 3.03 6.59
C ASN A 51 15.56 2.57 7.89
N ILE A 52 14.74 1.98 8.72
CA ILE A 52 15.26 1.38 9.95
C ILE A 52 14.65 -0.01 10.20
N TRP A 53 15.46 -0.91 10.76
CA TRP A 53 15.01 -2.21 11.27
C TRP A 53 15.34 -2.20 12.73
N LEU A 54 14.29 -2.24 13.54
CA LEU A 54 14.37 -2.18 14.98
C LEU A 54 13.98 -3.57 15.44
N ARG A 55 14.73 -4.18 16.36
CA ARG A 55 14.42 -5.55 16.74
C ARG A 55 14.74 -5.86 18.18
N ARG A 56 13.76 -6.46 18.88
CA ARG A 56 13.94 -6.97 20.22
C ARG A 56 13.84 -8.46 20.15
N GLY A 57 14.89 -9.16 20.61
CA GLY A 57 14.95 -10.61 20.52
C GLY A 57 15.70 -11.24 19.36
N THR A 58 16.12 -12.50 19.52
CA THR A 58 16.94 -13.18 18.55
C THR A 58 16.35 -14.44 18.01
N LYS A 59 15.22 -14.89 18.55
CA LYS A 59 14.60 -16.12 18.10
C LYS A 59 13.18 -16.02 17.51
N ALA A 60 12.83 -17.05 16.78
CA ALA A 60 11.45 -17.26 16.28
C ALA A 60 10.48 -17.55 17.44
N PRO A 61 9.18 -17.29 17.27
CA PRO A 61 8.58 -16.57 16.11
C PRO A 61 8.92 -15.04 16.11
N VAL A 62 9.10 -14.49 14.88
CA VAL A 62 9.47 -13.10 14.69
C VAL A 62 8.18 -12.47 14.21
N VAL A 63 7.71 -11.48 14.95
CA VAL A 63 6.54 -10.71 14.60
C VAL A 63 7.07 -9.32 14.22
N CYS A 64 6.69 -8.86 13.03
CA CYS A 64 7.16 -7.51 12.56
C CYS A 64 6.00 -6.59 12.27
N PHE A 65 6.06 -5.36 12.77
CA PHE A 65 5.23 -4.28 12.30
C PHE A 65 5.95 -3.54 11.20
N ALA A 66 5.28 -3.29 10.09
CA ALA A 66 5.89 -2.51 9.01
C ALA A 66 5.07 -1.29 8.63
N GLY A 67 5.77 -0.21 8.24
CA GLY A 67 5.08 0.99 7.84
C GLY A 67 6.05 2.08 7.34
N HIS A 68 5.47 3.23 7.04
CA HIS A 68 6.20 4.34 6.41
C HIS A 68 5.99 5.60 7.21
N THR A 69 7.09 6.38 7.38
CA THR A 69 6.99 7.67 8.03
C THR A 69 6.77 8.81 7.03
N ASP A 70 6.92 8.57 5.75
CA ASP A 70 6.63 9.63 4.77
C ASP A 70 5.11 9.78 4.60
N VAL A 71 4.74 10.96 4.17
CA VAL A 71 3.39 11.32 3.84
C VAL A 71 3.33 12.03 2.48
N VAL A 72 2.15 12.05 1.87
CA VAL A 72 1.98 12.71 0.62
C VAL A 72 1.86 14.23 0.84
N PRO A 73 2.13 15.00 -0.21
CA PRO A 73 2.03 16.46 -0.13
C PRO A 73 0.67 16.90 0.41
N THR A 74 0.58 18.10 0.98
CA THR A 74 -0.66 18.56 1.52
C THR A 74 -1.54 19.31 0.54
N GLY A 75 -0.96 19.84 -0.51
CA GLY A 75 -1.62 20.82 -1.34
C GLY A 75 -1.80 22.17 -0.62
N PRO A 76 -2.35 23.17 -1.30
CA PRO A 76 -2.52 24.49 -0.66
C PRO A 76 -3.05 24.45 0.77
N VAL A 77 -2.25 24.94 1.71
CA VAL A 77 -2.60 24.87 3.10
C VAL A 77 -3.88 25.59 3.50
N GLU A 78 -4.16 26.71 2.84
CA GLU A 78 -5.36 27.48 3.23
C GLU A 78 -6.71 26.74 2.96
N LYS A 79 -6.66 25.73 2.11
CA LYS A 79 -7.84 24.88 1.84
C LYS A 79 -8.15 23.90 2.98
N TRP A 80 -7.17 23.67 3.86
CA TRP A 80 -7.41 22.87 5.07
C TRP A 80 -8.13 23.63 6.14
N ASP A 81 -8.95 22.93 6.91
CA ASP A 81 -9.63 23.56 8.03
C ASP A 81 -8.72 23.89 9.24
N SER A 82 -7.65 23.13 9.48
CA SER A 82 -6.59 23.45 10.48
C SER A 82 -5.28 23.03 9.81
N PRO A 83 -4.15 23.63 10.21
CA PRO A 83 -2.94 23.41 9.39
C PRO A 83 -2.53 21.91 9.36
N PRO A 84 -2.05 21.40 8.22
CA PRO A 84 -1.90 19.93 8.12
C PRO A 84 -0.89 19.31 9.04
N PHE A 85 0.12 20.10 9.49
CA PHE A 85 1.14 19.60 10.40
C PHE A 85 1.05 20.19 11.79
N GLU A 86 -0.15 20.65 12.14
CA GLU A 86 -0.49 21.03 13.53
C GLU A 86 -1.71 20.22 13.94
N PRO A 87 -1.47 18.96 14.43
CA PRO A 87 -2.59 18.05 14.65
C PRO A 87 -3.59 18.70 15.58
N ALA A 88 -4.85 18.55 15.23
CA ALA A 88 -5.93 19.16 15.97
C ALA A 88 -7.01 18.14 16.28
N GLU A 89 -7.54 18.23 17.49
CA GLU A 89 -8.75 17.49 17.86
C GLU A 89 -10.01 18.31 17.61
N ARG A 90 -10.92 17.75 16.82
CA ARG A 90 -12.13 18.42 16.42
C ARG A 90 -13.22 17.41 16.22
N ASP A 91 -14.34 17.63 16.87
CA ASP A 91 -15.50 16.81 16.63
C ASP A 91 -15.16 15.33 16.74
N GLY A 92 -14.32 14.98 17.68
CA GLY A 92 -14.07 13.59 17.96
C GLY A 92 -13.11 12.92 17.00
N ARG A 93 -12.42 13.77 16.25
CA ARG A 93 -11.45 13.34 15.27
C ARG A 93 -10.10 14.06 15.48
N LEU A 94 -9.02 13.37 15.07
CA LEU A 94 -7.71 13.94 15.00
C LEU A 94 -7.37 14.24 13.56
N TYR A 95 -7.11 15.49 13.28
CA TYR A 95 -6.89 15.93 11.92
C TYR A 95 -5.43 16.26 11.66
N GLY A 96 -4.91 15.84 10.54
CA GLY A 96 -3.56 16.21 10.11
C GLY A 96 -3.07 15.30 9.01
N ARG A 97 -2.10 15.74 8.25
CA ARG A 97 -1.54 14.91 7.17
C ARG A 97 -0.81 13.75 7.87
N GLY A 98 -1.17 12.54 7.50
CA GLY A 98 -0.59 11.38 8.13
C GLY A 98 -1.36 10.85 9.32
N ALA A 99 -2.48 11.49 9.71
CA ALA A 99 -3.23 11.03 10.83
C ALA A 99 -3.80 9.61 10.56
N ALA A 100 -4.17 9.36 9.32
CA ALA A 100 -4.68 8.04 8.95
C ALA A 100 -3.64 7.20 8.26
N ASP A 101 -2.80 7.86 7.45
CA ASP A 101 -1.87 7.19 6.56
C ASP A 101 -0.42 7.78 6.76
N MET A 102 0.34 7.24 7.71
CA MET A 102 -0.13 6.13 8.59
C MET A 102 0.53 6.24 9.95
N LYS A 103 0.75 7.49 10.37
CA LYS A 103 1.45 7.75 11.64
C LYS A 103 0.73 7.32 12.87
N THR A 104 -0.60 7.38 12.88
CA THR A 104 -1.28 6.93 14.01
C THR A 104 -1.00 5.42 14.22
N SER A 105 -0.99 4.60 13.15
CA SER A 105 -0.67 3.17 13.32
C SER A 105 0.65 2.94 13.95
N ILE A 106 1.64 3.68 13.47
CA ILE A 106 2.95 3.56 14.03
C ILE A 106 2.94 3.87 15.50
N ALA A 107 2.30 4.94 15.92
CA ALA A 107 2.28 5.30 17.32
C ALA A 107 1.61 4.21 18.14
N CYS A 108 0.49 3.68 17.63
CA CYS A 108 -0.24 2.65 18.31
C CYS A 108 0.58 1.40 18.49
N PHE A 109 1.38 1.04 17.51
CA PHE A 109 2.21 -0.13 17.66
C PHE A 109 3.35 0.05 18.66
N VAL A 110 3.95 1.23 18.66
CA VAL A 110 5.03 1.50 19.54
C VAL A 110 4.52 1.40 21.00
N THR A 111 3.38 2.02 21.32
CA THR A 111 2.78 1.88 22.64
C THR A 111 2.31 0.44 22.98
N ALA A 112 1.74 -0.29 22.03
CA ALA A 112 1.48 -1.70 22.28
C ALA A 112 2.70 -2.48 22.67
N CYS A 113 3.82 -2.28 21.98
CA CYS A 113 5.07 -2.91 22.37
C CYS A 113 5.41 -2.58 23.81
N GLU A 114 5.31 -1.30 24.15
CA GLU A 114 5.59 -0.86 25.53
C GLU A 114 4.72 -1.59 26.57
N ARG A 115 3.43 -1.69 26.33
CA ARG A 115 2.56 -2.31 27.30
C ARG A 115 2.79 -3.82 27.33
N PHE A 116 3.00 -4.43 26.18
CA PHE A 116 3.22 -5.89 26.11
C PHE A 116 4.48 -6.35 26.84
N VAL A 117 5.57 -5.64 26.59
CA VAL A 117 6.88 -5.96 27.17
C VAL A 117 6.87 -5.74 28.70
N ALA A 118 6.18 -4.71 29.17
CA ALA A 118 5.94 -4.51 30.60
C ALA A 118 5.17 -5.68 31.21
N LYS A 119 4.07 -6.07 30.61
CA LYS A 119 3.34 -7.23 31.11
C LYS A 119 4.06 -8.56 30.91
N HIS A 120 4.89 -8.71 29.91
CA HIS A 120 5.47 -10.01 29.64
C HIS A 120 6.95 -9.85 29.29
N PRO A 121 7.77 -9.43 30.29
CA PRO A 121 9.17 -9.11 30.09
C PRO A 121 9.94 -10.30 29.61
N ASN A 122 9.44 -11.51 29.85
CA ASN A 122 10.17 -12.70 29.45
C ASN A 122 9.46 -13.38 28.30
N HIS A 123 8.74 -12.63 27.45
CA HIS A 123 7.99 -13.31 26.33
C HIS A 123 9.00 -14.02 25.41
N GLN A 124 8.52 -15.01 24.68
CA GLN A 124 9.32 -15.71 23.72
C GLN A 124 9.32 -14.93 22.38
N GLY A 125 10.15 -15.37 21.47
CA GLY A 125 10.22 -14.78 20.13
C GLY A 125 10.82 -13.38 20.07
N SER A 126 10.56 -12.69 18.96
CA SER A 126 11.18 -11.41 18.69
C SER A 126 10.07 -10.48 18.14
N ILE A 127 10.27 -9.18 18.32
CA ILE A 127 9.40 -8.11 17.79
C ILE A 127 10.26 -7.19 16.99
N ALA A 128 9.85 -6.89 15.75
CA ALA A 128 10.65 -6.00 14.92
C ALA A 128 9.77 -4.97 14.22
N LEU A 129 10.35 -3.82 13.89
CA LEU A 129 9.67 -2.78 13.10
C LEU A 129 10.51 -2.55 11.86
N LEU A 130 9.87 -2.46 10.70
CA LEU A 130 10.51 -2.24 9.46
C LEU A 130 9.85 -1.00 8.93
N ILE A 131 10.54 0.14 9.04
CA ILE A 131 10.01 1.46 8.76
C ILE A 131 10.81 2.16 7.64
N THR A 132 10.11 2.67 6.63
CA THR A 132 10.71 3.39 5.47
C THR A 132 10.23 4.84 5.38
N SER A 133 11.09 5.72 4.81
CA SER A 133 10.65 7.09 4.51
C SER A 133 10.30 7.26 3.02
N ASP A 134 10.21 6.15 2.29
CA ASP A 134 9.62 6.21 0.96
C ASP A 134 8.73 5.02 0.57
N GLU A 135 7.49 5.07 1.01
CA GLU A 135 6.46 4.21 0.43
C GLU A 135 5.63 4.90 -0.63
N GLU A 136 5.47 6.21 -0.47
CA GLU A 136 4.52 7.00 -1.27
C GLU A 136 5.08 7.42 -2.63
N GLY A 137 6.40 7.40 -2.80
CA GLY A 137 7.03 7.84 -4.06
C GLY A 137 7.33 6.67 -4.95
N ASP A 138 8.49 6.67 -5.60
CA ASP A 138 8.80 5.58 -6.51
C ASP A 138 9.22 4.32 -5.71
N ALA A 139 9.64 4.54 -4.45
CA ALA A 139 9.85 3.47 -3.46
C ALA A 139 10.99 2.56 -3.93
N LEU A 140 11.93 3.05 -4.76
CA LEU A 140 13.00 2.15 -5.22
C LEU A 140 14.03 1.84 -4.16
N ASP A 141 14.16 2.73 -3.17
CA ASP A 141 15.18 2.67 -2.15
C ASP A 141 14.64 2.50 -0.76
N GLY A 142 13.39 2.08 -0.62
CA GLY A 142 12.85 1.90 0.72
C GLY A 142 12.72 0.44 1.14
N THR A 143 11.47 0.02 1.46
CA THR A 143 11.26 -1.32 1.97
C THR A 143 11.93 -2.42 1.12
N THR A 144 11.82 -2.35 -0.19
CA THR A 144 12.26 -3.41 -1.11
C THR A 144 13.80 -3.70 -0.91
N LYS A 145 14.59 -2.62 -0.66
CA LYS A 145 16.03 -2.75 -0.35
C LYS A 145 16.29 -3.32 1.03
N VAL A 146 15.48 -2.93 2.03
CA VAL A 146 15.60 -3.50 3.34
C VAL A 146 15.26 -5.01 3.29
N VAL A 147 14.20 -5.37 2.58
CA VAL A 147 13.86 -6.79 2.48
C VAL A 147 15.03 -7.61 1.89
N ASP A 148 15.62 -7.07 0.82
CA ASP A 148 16.73 -7.78 0.17
C ASP A 148 17.89 -8.02 1.16
N VAL A 149 18.17 -7.05 2.03
CA VAL A 149 19.20 -7.19 3.03
C VAL A 149 18.84 -8.31 3.99
N LEU A 150 17.62 -8.28 4.50
CA LEU A 150 17.12 -9.34 5.44
C LEU A 150 17.16 -10.72 4.80
N LYS A 151 16.74 -10.83 3.58
CA LYS A 151 16.67 -12.09 2.90
C LYS A 151 18.06 -12.66 2.66
N ALA A 152 19.00 -11.78 2.28
CA ALA A 152 20.40 -12.19 2.01
C ALA A 152 21.10 -12.73 3.24
N ARG A 153 20.73 -12.30 4.43
CA ARG A 153 21.27 -12.87 5.67
C ARG A 153 20.36 -13.84 6.38
N ASP A 154 19.37 -14.36 5.66
CA ASP A 154 18.40 -15.31 6.23
C ASP A 154 17.74 -14.83 7.51
N GLU A 155 17.36 -13.52 7.61
CA GLU A 155 16.66 -12.99 8.73
C GLU A 155 15.17 -12.90 8.35
N LEU A 156 14.47 -14.01 8.46
CA LEU A 156 13.04 -14.12 8.10
C LEU A 156 11.99 -13.87 9.20
N ILE A 157 10.79 -13.54 8.74
CA ILE A 157 9.71 -13.08 9.58
C ILE A 157 8.63 -14.14 9.58
N ASP A 158 8.06 -14.40 10.74
CA ASP A 158 6.95 -15.43 10.76
C ASP A 158 5.60 -14.79 10.50
N TYR A 159 5.39 -13.66 11.17
CA TYR A 159 4.12 -12.91 11.13
C TYR A 159 4.46 -11.42 10.92
N CYS A 160 3.86 -10.81 9.91
CA CYS A 160 4.00 -9.35 9.67
C CYS A 160 2.65 -8.62 9.66
N ILE A 161 2.53 -7.50 10.34
CA ILE A 161 1.39 -6.64 10.31
C ILE A 161 1.87 -5.29 9.72
N VAL A 162 1.35 -4.99 8.54
CA VAL A 162 1.59 -3.65 7.90
C VAL A 162 0.49 -2.72 8.41
N GLY A 163 0.88 -1.60 9.04
CA GLY A 163 -0.03 -0.69 9.64
C GLY A 163 -0.78 0.28 8.73
N GLU A 164 -0.93 -0.03 7.46
CA GLU A 164 -1.75 0.78 6.52
C GLU A 164 -3.20 0.85 6.98
N PRO A 165 -3.84 2.00 6.78
CA PRO A 165 -5.26 2.13 7.07
C PRO A 165 -6.06 1.19 6.20
N THR A 166 -6.82 0.28 6.80
CA THR A 166 -7.58 -0.70 6.00
C THR A 166 -9.09 -0.64 6.21
N ALA A 167 -9.54 0.08 7.27
CA ALA A 167 -10.96 0.05 7.58
C ALA A 167 -11.77 0.83 6.58
N VAL A 168 -12.98 0.33 6.36
CA VAL A 168 -13.94 1.03 5.53
C VAL A 168 -14.50 2.20 6.30
N ASP A 169 -14.99 1.92 7.49
CA ASP A 169 -15.51 2.99 8.34
C ASP A 169 -15.05 2.80 9.76
N LYS A 170 -15.51 1.76 10.40
CA LYS A 170 -15.19 1.53 11.79
C LYS A 170 -13.95 0.69 11.86
N LEU A 171 -13.05 1.09 12.74
CA LEU A 171 -11.90 0.26 13.05
C LEU A 171 -12.18 -1.23 13.23
N GLY A 172 -11.41 -2.04 12.52
CA GLY A 172 -11.56 -3.48 12.60
C GLY A 172 -12.58 -4.10 11.66
N ASP A 173 -13.30 -3.34 10.90
CA ASP A 173 -14.31 -3.86 10.01
C ASP A 173 -13.66 -4.61 8.84
N MET A 174 -12.39 -4.28 8.55
CA MET A 174 -11.68 -4.85 7.43
C MET A 174 -10.20 -4.92 7.73
N ILE A 175 -9.62 -6.07 7.43
CA ILE A 175 -8.19 -6.25 7.39
C ILE A 175 -7.80 -6.78 6.00
N LYS A 176 -6.60 -6.48 5.59
CA LYS A 176 -6.18 -7.04 4.28
C LYS A 176 -5.29 -8.16 4.40
N ASN A 177 -5.62 -9.30 3.74
CA ASN A 177 -4.72 -10.38 3.77
C ASN A 177 -3.94 -10.57 2.46
N GLY A 178 -4.05 -9.63 1.56
CA GLY A 178 -3.26 -9.61 0.35
C GLY A 178 -3.65 -8.42 -0.51
N ARG A 179 -3.06 -8.35 -1.71
CA ARG A 179 -3.36 -7.31 -2.64
C ARG A 179 -3.21 -7.85 -4.05
N ARG A 180 -3.92 -7.23 -4.96
CA ARG A 180 -3.74 -7.46 -6.40
C ARG A 180 -2.39 -7.04 -6.88
N GLY A 181 -1.93 -7.71 -7.95
CA GLY A 181 -0.77 -7.23 -8.63
C GLY A 181 -1.20 -6.08 -9.54
N SER A 182 -0.21 -5.35 -10.03
CA SER A 182 -0.43 -4.21 -10.94
C SER A 182 0.50 -4.36 -12.11
N LEU A 183 -0.09 -4.41 -13.28
CA LEU A 183 0.64 -4.64 -14.55
C LEU A 183 0.16 -3.53 -15.51
N SER A 184 1.07 -2.68 -15.96
CA SER A 184 0.73 -1.56 -16.81
C SER A 184 1.34 -1.64 -18.21
N GLY A 185 0.56 -1.21 -19.22
CA GLY A 185 1.05 -1.19 -20.56
C GLY A 185 1.02 0.22 -21.13
N ASN A 186 1.98 0.47 -21.99
CA ASN A 186 2.07 1.70 -22.69
C ASN A 186 2.08 1.35 -24.17
N LEU A 187 0.95 1.57 -24.84
CA LEU A 187 0.67 1.09 -26.21
C LEU A 187 0.76 2.26 -27.19
N THR A 188 1.55 2.07 -28.25
CA THR A 188 1.55 3.01 -29.34
C THR A 188 1.09 2.37 -30.62
N VAL A 189 -0.11 2.76 -31.05
CA VAL A 189 -0.74 2.17 -32.25
C VAL A 189 -0.25 3.09 -33.43
N LYS A 190 0.22 2.44 -34.46
CA LYS A 190 0.85 3.04 -35.61
C LYS A 190 -0.16 3.06 -36.73
N GLY A 191 -0.28 4.23 -37.28
CA GLY A 191 -1.01 4.43 -38.54
C GLY A 191 -0.12 5.21 -39.50
N LYS A 192 -0.75 6.03 -40.28
CA LYS A 192 -0.03 6.93 -41.27
C LYS A 192 -0.80 8.23 -41.37
N GLN A 193 -0.12 9.35 -41.05
CA GLN A 193 -0.72 10.63 -41.06
C GLN A 193 -1.07 11.04 -42.49
N GLY A 194 -2.12 11.81 -42.62
CA GLY A 194 -2.48 12.47 -43.86
C GLY A 194 -3.67 13.39 -43.72
N HIS A 195 -3.91 14.18 -44.76
CA HIS A 195 -5.11 14.99 -44.83
C HIS A 195 -6.34 14.13 -44.70
N ILE A 196 -7.26 14.65 -43.94
CA ILE A 196 -8.45 13.90 -43.51
C ILE A 196 -9.37 13.56 -44.71
N ALA A 197 -9.27 14.34 -45.78
CA ALA A 197 -10.19 14.19 -46.90
C ALA A 197 -9.71 13.16 -47.89
N TYR A 198 -8.55 12.61 -47.64
CA TYR A 198 -8.05 11.43 -48.34
C TYR A 198 -7.77 10.24 -47.43
N PRO A 199 -8.85 9.73 -46.81
CA PRO A 199 -8.64 8.69 -45.81
C PRO A 199 -8.02 7.40 -46.38
N HIS A 200 -8.14 7.15 -47.68
CA HIS A 200 -7.59 5.89 -48.29
C HIS A 200 -6.07 5.94 -48.43
N LEU A 201 -5.50 7.13 -48.33
CA LEU A 201 -4.05 7.33 -48.36
C LEU A 201 -3.36 7.42 -47.02
N ALA A 202 -4.15 7.38 -45.96
CA ALA A 202 -3.70 7.44 -44.55
C ALA A 202 -4.15 6.18 -43.85
N ILE A 203 -3.68 5.99 -42.61
CA ILE A 203 -4.16 4.86 -41.78
C ILE A 203 -4.48 5.56 -40.46
N ASN A 204 -5.76 5.53 -40.10
CA ASN A 204 -6.19 6.15 -38.85
C ASN A 204 -6.05 5.23 -37.65
N PRO A 205 -5.07 5.51 -36.77
CA PRO A 205 -4.84 4.60 -35.65
C PRO A 205 -5.96 4.54 -34.59
N VAL A 206 -6.83 5.51 -34.57
CA VAL A 206 -8.00 5.45 -33.67
C VAL A 206 -8.95 4.43 -34.23
N HIS A 207 -9.13 4.45 -35.55
CA HIS A 207 -10.02 3.48 -36.17
C HIS A 207 -9.50 2.09 -36.18
N THR A 208 -8.19 1.88 -36.38
CA THR A 208 -7.67 0.53 -36.36
C THR A 208 -7.73 -0.04 -34.92
N PHE A 209 -7.53 0.83 -33.91
CA PHE A 209 -7.61 0.41 -32.52
C PHE A 209 -9.03 0.12 -32.00
N ALA A 210 -10.03 0.80 -32.58
CA ALA A 210 -11.37 0.76 -32.01
C ALA A 210 -11.90 -0.64 -31.73
N PRO A 211 -11.78 -1.55 -32.66
CA PRO A 211 -12.41 -2.89 -32.37
C PRO A 211 -11.68 -3.63 -31.23
N ALA A 212 -10.35 -3.44 -31.17
CA ALA A 212 -9.58 -3.97 -30.04
C ALA A 212 -9.88 -3.32 -28.70
N LEU A 213 -10.00 -1.98 -28.67
CA LEU A 213 -10.43 -1.26 -27.52
C LEU A 213 -11.70 -1.80 -26.98
N LEU A 214 -12.68 -1.92 -27.85
CA LEU A 214 -13.97 -2.49 -27.36
C LEU A 214 -13.81 -3.92 -26.72
N GLU A 215 -13.12 -4.81 -27.42
CA GLU A 215 -12.89 -6.12 -26.91
C GLU A 215 -12.15 -6.08 -25.57
N LEU A 216 -11.09 -5.27 -25.47
CA LEU A 216 -10.43 -5.12 -24.17
C LEU A 216 -11.31 -4.63 -23.04
N THR A 217 -12.16 -3.62 -23.31
CA THR A 217 -12.97 -3.07 -22.19
C THR A 217 -14.16 -3.99 -21.88
N GLN A 218 -14.52 -4.90 -22.78
CA GLN A 218 -15.60 -5.92 -22.53
C GLN A 218 -15.11 -7.24 -21.97
N GLU A 219 -13.81 -7.48 -22.06
CA GLU A 219 -13.24 -8.75 -21.66
C GLU A 219 -13.46 -9.07 -20.18
N VAL A 220 -13.85 -10.33 -19.93
CA VAL A 220 -13.83 -10.87 -18.62
C VAL A 220 -12.54 -11.61 -18.42
N TRP A 221 -11.71 -11.12 -17.49
CA TRP A 221 -10.38 -11.65 -17.36
C TRP A 221 -10.42 -12.90 -16.55
N ASP A 222 -11.12 -12.89 -15.41
CA ASP A 222 -11.27 -14.07 -14.59
C ASP A 222 -12.50 -13.85 -13.65
N GLU A 223 -12.79 -14.89 -12.89
CA GLU A 223 -13.94 -15.06 -11.99
C GLU A 223 -13.70 -14.43 -10.61
N GLY A 224 -12.47 -14.11 -10.26
CA GLY A 224 -12.08 -13.86 -8.88
C GLY A 224 -12.21 -15.17 -8.10
N ASN A 225 -12.10 -15.14 -6.77
CA ASN A 225 -12.21 -16.36 -5.94
C ASN A 225 -12.59 -15.91 -4.53
N GLU A 226 -12.49 -16.82 -3.55
CA GLU A 226 -12.96 -16.46 -2.23
C GLU A 226 -12.17 -15.25 -1.65
N TYR A 227 -10.94 -15.01 -2.13
CA TYR A 227 -10.08 -14.00 -1.55
C TYR A 227 -9.99 -12.73 -2.36
N PHE A 228 -10.21 -12.87 -3.68
CA PHE A 228 -9.98 -11.78 -4.67
C PHE A 228 -11.16 -11.48 -5.50
N PRO A 229 -11.34 -10.20 -5.82
CA PRO A 229 -12.29 -9.84 -6.85
C PRO A 229 -11.75 -10.19 -8.26
N PRO A 230 -12.65 -10.22 -9.26
CA PRO A 230 -12.24 -10.44 -10.62
C PRO A 230 -11.09 -9.38 -11.01
N THR A 231 -10.17 -9.88 -11.82
CA THR A 231 -9.10 -9.03 -12.35
C THR A 231 -9.73 -7.89 -13.12
N SER A 232 -9.14 -6.67 -12.98
CA SER A 232 -9.68 -5.43 -13.54
C SER A 232 -8.74 -4.72 -14.54
N PHE A 233 -9.26 -4.42 -15.73
CA PHE A 233 -8.53 -3.70 -16.76
C PHE A 233 -9.11 -2.28 -16.88
N GLN A 234 -8.25 -1.27 -16.86
CA GLN A 234 -8.73 0.11 -16.96
C GLN A 234 -7.74 1.02 -17.70
N ILE A 235 -8.26 1.74 -18.69
CA ILE A 235 -7.48 2.69 -19.42
C ILE A 235 -7.32 3.99 -18.64
N SER A 236 -6.11 4.46 -18.49
CA SER A 236 -5.84 5.67 -17.75
C SER A 236 -5.65 6.88 -18.64
N ASN A 237 -5.08 6.70 -19.81
CA ASN A 237 -4.74 7.85 -20.69
C ASN A 237 -4.88 7.39 -22.16
N ILE A 238 -5.29 8.31 -23.03
CA ILE A 238 -5.36 8.05 -24.48
C ILE A 238 -5.15 9.37 -25.17
N ASN A 239 -4.19 9.43 -26.04
CA ASN A 239 -3.79 10.66 -26.69
C ASN A 239 -3.32 10.37 -28.10
N GLY A 240 -3.96 11.05 -29.04
CA GLY A 240 -3.55 11.02 -30.42
C GLY A 240 -4.08 12.20 -31.14
N GLY A 241 -3.26 12.65 -32.09
CA GLY A 241 -3.64 13.73 -32.98
C GLY A 241 -2.68 14.91 -32.87
N THR A 242 -2.68 15.76 -33.92
CA THR A 242 -1.75 16.91 -33.98
C THR A 242 -2.35 18.21 -33.41
N GLY A 243 -3.62 18.18 -33.01
CA GLY A 243 -4.43 19.34 -32.73
C GLY A 243 -5.17 19.91 -33.96
N ALA A 244 -4.78 19.55 -35.19
CA ALA A 244 -5.48 20.02 -36.42
C ALA A 244 -6.69 19.12 -36.65
N THR A 245 -7.79 19.72 -37.01
CA THR A 245 -9.10 18.98 -37.22
C THR A 245 -9.29 18.41 -38.60
N ASN A 246 -8.31 18.68 -39.47
CA ASN A 246 -8.31 18.17 -40.83
C ASN A 246 -7.14 17.26 -41.15
N VAL A 247 -6.56 16.64 -40.12
CA VAL A 247 -5.47 15.70 -40.25
C VAL A 247 -5.78 14.37 -39.53
N ILE A 248 -5.54 13.25 -40.20
CA ILE A 248 -5.56 11.93 -39.57
C ILE A 248 -4.24 11.71 -38.91
N PRO A 249 -4.20 11.35 -37.59
CA PRO A 249 -2.88 11.22 -36.99
C PRO A 249 -2.14 9.97 -37.34
N GLY A 250 -0.83 9.96 -37.15
CA GLY A 250 -0.01 8.84 -37.57
C GLY A 250 0.20 7.83 -36.42
N GLU A 251 -0.13 8.22 -35.21
CA GLU A 251 -0.09 7.29 -34.08
C GLU A 251 -1.01 7.69 -32.93
N LEU A 252 -1.22 6.72 -32.06
CA LEU A 252 -2.14 6.88 -30.92
C LEU A 252 -1.49 6.21 -29.73
N ASN A 253 -1.37 6.94 -28.63
CA ASN A 253 -0.86 6.39 -27.39
C ASN A 253 -2.00 6.04 -26.41
N VAL A 254 -1.88 4.89 -25.79
CA VAL A 254 -2.83 4.46 -24.77
C VAL A 254 -2.07 3.83 -23.62
N LYS A 255 -2.43 4.26 -22.43
CA LYS A 255 -1.88 3.70 -21.20
C LYS A 255 -3.03 3.00 -20.48
N PHE A 256 -2.74 1.77 -20.04
CA PHE A 256 -3.70 0.96 -19.35
C PHE A 256 -3.05 0.16 -18.22
N ASN A 257 -3.89 -0.36 -17.34
CA ASN A 257 -3.43 -1.08 -16.14
C ASN A 257 -4.35 -2.22 -15.82
N PHE A 258 -3.78 -3.31 -15.37
CA PHE A 258 -4.51 -4.40 -14.70
C PHE A 258 -4.21 -4.35 -13.19
N ARG A 259 -5.25 -4.47 -12.39
CA ARG A 259 -5.11 -4.89 -10.98
C ARG A 259 -5.59 -6.34 -11.01
N PHE A 260 -4.63 -7.24 -10.85
CA PHE A 260 -4.97 -8.65 -11.12
C PHE A 260 -4.86 -9.56 -9.87
N SER A 261 -5.75 -10.56 -9.89
CA SER A 261 -5.86 -11.55 -8.82
C SER A 261 -4.93 -12.73 -9.17
N THR A 262 -4.72 -13.64 -8.21
CA THR A 262 -3.98 -14.89 -8.47
C THR A 262 -4.66 -15.82 -9.50
N GLU A 263 -5.85 -15.54 -9.93
CA GLU A 263 -6.51 -16.35 -10.94
C GLU A 263 -5.88 -16.17 -12.32
N SER A 264 -5.21 -15.05 -12.54
CA SER A 264 -4.53 -14.70 -13.79
C SER A 264 -3.06 -14.49 -13.46
N THR A 265 -2.17 -14.63 -14.45
CA THR A 265 -0.76 -14.41 -14.27
C THR A 265 -0.34 -13.24 -15.11
N GLU A 266 0.74 -12.58 -14.72
CA GLU A 266 1.30 -11.55 -15.53
C GLU A 266 1.53 -11.96 -16.99
N ALA A 267 2.14 -13.13 -17.23
CA ALA A 267 2.42 -13.54 -18.59
C ALA A 267 1.14 -13.84 -19.35
N GLY A 268 0.20 -14.50 -18.69
CA GLY A 268 -1.11 -14.77 -19.33
C GLY A 268 -1.85 -13.53 -19.78
N LEU A 269 -1.88 -12.52 -18.93
CA LEU A 269 -2.57 -11.24 -19.28
C LEU A 269 -1.90 -10.57 -20.51
N LYS A 270 -0.57 -10.50 -20.49
CA LYS A 270 0.17 -9.91 -21.63
C LYS A 270 -0.18 -10.67 -22.89
N GLN A 271 -0.16 -11.96 -22.80
CA GLN A 271 -0.51 -12.76 -23.98
C GLN A 271 -1.88 -12.48 -24.50
N ARG A 272 -2.84 -12.27 -23.61
CA ARG A 272 -4.24 -12.09 -24.03
C ARG A 272 -4.40 -10.72 -24.74
N VAL A 273 -3.69 -9.70 -24.23
CA VAL A 273 -3.74 -8.40 -24.79
C VAL A 273 -3.14 -8.42 -26.20
N HIS A 274 -1.96 -9.03 -26.34
CA HIS A 274 -1.32 -9.13 -27.62
C HIS A 274 -2.22 -9.86 -28.57
N ALA A 275 -2.93 -10.85 -28.09
CA ALA A 275 -3.75 -11.66 -29.00
C ALA A 275 -5.02 -10.95 -29.51
N ILE A 276 -5.58 -10.12 -28.63
CA ILE A 276 -6.65 -9.23 -28.97
C ILE A 276 -6.21 -8.22 -30.00
N LEU A 277 -5.07 -7.56 -29.77
CA LEU A 277 -4.63 -6.57 -30.69
C LEU A 277 -4.29 -7.23 -32.06
N ASP A 278 -3.65 -8.41 -32.04
CA ASP A 278 -3.26 -9.08 -33.26
C ASP A 278 -4.44 -9.64 -34.08
N LYS A 279 -5.45 -10.11 -33.39
CA LYS A 279 -6.71 -10.61 -34.02
C LYS A 279 -7.38 -9.55 -34.88
N HIS A 280 -7.23 -8.30 -34.50
CA HIS A 280 -7.84 -7.13 -35.17
C HIS A 280 -6.86 -6.41 -36.15
N GLY A 281 -5.66 -6.95 -36.30
CA GLY A 281 -4.69 -6.45 -37.25
C GLY A 281 -4.03 -5.15 -36.86
N VAL A 282 -4.04 -4.84 -35.59
CA VAL A 282 -3.48 -3.58 -35.13
C VAL A 282 -1.96 -3.66 -35.23
N GLN A 283 -1.31 -2.56 -35.61
CA GLN A 283 0.16 -2.45 -35.65
C GLN A 283 0.53 -1.53 -34.55
N TYR A 284 1.52 -1.91 -33.75
CA TYR A 284 1.80 -1.22 -32.51
C TYR A 284 3.13 -1.60 -31.93
N ASP A 285 3.57 -0.74 -30.99
CA ASP A 285 4.62 -1.06 -30.01
C ASP A 285 3.94 -1.11 -28.66
N LEU A 286 4.38 -1.97 -27.80
CA LEU A 286 3.76 -2.10 -26.45
C LEU A 286 4.83 -2.33 -25.44
N GLN A 287 4.96 -1.42 -24.50
CA GLN A 287 5.95 -1.58 -23.45
C GLN A 287 5.20 -1.91 -22.17
N TRP A 288 5.70 -2.88 -21.44
CA TRP A 288 5.05 -3.27 -20.23
C TRP A 288 5.87 -2.94 -19.00
N SER A 289 5.20 -2.71 -17.91
CA SER A 289 5.89 -2.60 -16.65
C SER A 289 5.02 -3.21 -15.56
N CYS A 290 5.67 -3.87 -14.61
CA CYS A 290 4.94 -4.57 -13.52
C CYS A 290 5.42 -3.97 -12.24
N SER A 291 4.59 -3.31 -11.49
CA SER A 291 5.08 -2.76 -10.22
C SER A 291 4.89 -3.72 -9.03
N GLY A 292 4.17 -4.82 -9.25
CA GLY A 292 3.92 -5.79 -8.20
C GLY A 292 3.14 -7.04 -8.61
N GLN A 293 3.50 -8.17 -8.01
CA GLN A 293 2.72 -9.42 -8.22
C GLN A 293 1.63 -9.43 -7.10
N PRO A 294 0.54 -10.14 -7.30
CA PRO A 294 -0.45 -10.29 -6.28
C PRO A 294 0.24 -11.05 -5.14
N PHE A 295 -0.23 -10.84 -3.93
CA PHE A 295 0.23 -11.62 -2.79
C PHE A 295 -0.94 -11.91 -1.90
N LEU A 296 -0.85 -13.03 -1.19
CA LEU A 296 -1.95 -13.58 -0.41
C LEU A 296 -1.45 -14.39 0.77
N THR A 297 -1.97 -14.09 1.95
CA THR A 297 -1.91 -14.97 3.12
C THR A 297 -3.29 -15.58 3.32
N GLN A 298 -3.43 -16.88 3.06
CA GLN A 298 -4.72 -17.51 3.26
C GLN A 298 -4.98 -17.63 4.80
N ALA A 299 -6.21 -17.95 5.08
CA ALA A 299 -6.71 -18.14 6.44
C ALA A 299 -5.78 -19.05 7.20
N GLY A 300 -5.36 -18.61 8.38
CA GLY A 300 -4.34 -19.26 9.16
C GLY A 300 -4.20 -18.63 10.49
N LYS A 301 -3.10 -18.87 11.19
CA LYS A 301 -2.98 -18.38 12.53
C LYS A 301 -3.10 -16.82 12.59
N LEU A 302 -2.45 -16.16 11.65
CA LEU A 302 -2.40 -14.71 11.72
C LEU A 302 -3.76 -14.06 11.47
N THR A 303 -4.47 -14.50 10.46
CA THR A 303 -5.81 -13.98 10.22
C THR A 303 -6.74 -14.32 11.41
N ASP A 304 -6.67 -15.54 11.92
CA ASP A 304 -7.48 -15.91 13.07
C ASP A 304 -7.17 -14.99 14.29
N VAL A 305 -5.91 -14.80 14.59
CA VAL A 305 -5.48 -13.96 15.71
C VAL A 305 -5.97 -12.54 15.58
N ALA A 306 -5.79 -11.93 14.43
CA ALA A 306 -6.27 -10.51 14.23
C ALA A 306 -7.80 -10.42 14.39
N ARG A 307 -8.50 -11.37 13.81
N ARG A 307 -8.51 -11.38 13.79
CA ARG A 307 -9.93 -11.44 13.98
CA ARG A 307 -9.96 -11.47 13.97
C ARG A 307 -10.34 -11.53 15.46
C ARG A 307 -10.33 -11.52 15.47
N ALA A 308 -9.67 -12.40 16.20
CA ALA A 308 -10.02 -12.61 17.62
C ALA A 308 -9.70 -11.34 18.42
N ALA A 309 -8.59 -10.72 18.10
CA ALA A 309 -8.22 -9.45 18.75
C ALA A 309 -9.20 -8.33 18.45
N ILE A 310 -9.60 -8.20 17.19
CA ILE A 310 -10.59 -7.23 16.84
C ILE A 310 -11.94 -7.54 17.54
N ALA A 311 -12.28 -8.79 17.63
CA ALA A 311 -13.63 -9.16 18.23
C ALA A 311 -13.56 -8.74 19.70
N GLU A 312 -12.45 -9.00 20.33
CA GLU A 312 -12.31 -8.70 21.78
C GLU A 312 -12.31 -7.19 22.01
N THR A 313 -11.55 -6.43 21.22
CA THR A 313 -11.42 -4.98 21.44
C THR A 313 -12.52 -4.11 20.89
N CYS A 314 -13.05 -4.43 19.70
CA CYS A 314 -13.90 -3.57 18.94
C CYS A 314 -15.29 -4.15 18.91
N GLY A 315 -15.43 -5.42 19.26
CA GLY A 315 -16.73 -6.10 19.19
C GLY A 315 -17.34 -6.39 17.86
N ILE A 316 -16.53 -6.48 16.80
CA ILE A 316 -17.08 -6.74 15.47
C ILE A 316 -16.29 -7.85 14.77
N GLU A 317 -16.90 -8.44 13.75
CA GLU A 317 -16.30 -9.50 12.99
C GLU A 317 -15.60 -8.87 11.78
N ALA A 318 -14.29 -8.96 11.75
CA ALA A 318 -13.52 -8.38 10.70
C ALA A 318 -13.68 -9.20 9.42
N GLU A 319 -13.76 -8.51 8.30
CA GLU A 319 -13.73 -9.07 6.96
C GLU A 319 -12.29 -9.10 6.45
N LEU A 320 -11.90 -10.18 5.78
CA LEU A 320 -10.63 -10.23 5.06
C LEU A 320 -10.84 -9.67 3.68
N SER A 321 -9.87 -8.89 3.21
CA SER A 321 -10.04 -8.22 1.95
C SER A 321 -8.70 -8.18 1.22
N THR A 322 -8.77 -8.10 -0.12
CA THR A 322 -7.61 -7.86 -1.00
C THR A 322 -7.80 -6.63 -1.90
N THR A 323 -8.91 -5.90 -1.71
CA THR A 323 -9.36 -4.85 -2.65
C THR A 323 -8.42 -3.62 -2.47
N GLY A 324 -8.55 -2.71 -3.40
CA GLY A 324 -7.81 -1.42 -3.35
C GLY A 324 -6.52 -1.43 -4.06
N GLY A 325 -5.61 -0.57 -3.57
CA GLY A 325 -4.34 -0.44 -4.23
C GLY A 325 -3.37 -1.47 -3.69
N THR A 326 -2.15 -1.08 -3.50
CA THR A 326 -1.16 -2.00 -2.99
C THR A 326 -0.34 -1.31 -1.92
N SER A 327 0.59 -2.03 -1.33
CA SER A 327 1.37 -1.53 -0.22
C SER A 327 2.73 -2.23 -0.34
N ASP A 328 3.54 -1.92 0.61
CA ASP A 328 4.85 -2.55 0.73
C ASP A 328 4.77 -3.99 1.24
N GLY A 329 3.58 -4.48 1.62
CA GLY A 329 3.47 -5.88 1.81
C GLY A 329 3.90 -6.69 0.60
N ARG A 330 3.79 -6.12 -0.60
CA ARG A 330 4.21 -6.88 -1.77
C ARG A 330 5.69 -7.19 -1.76
N PHE A 331 6.51 -6.35 -1.12
CA PHE A 331 7.92 -6.73 -0.93
C PHE A 331 8.14 -7.65 0.29
N ILE A 332 7.49 -7.37 1.40
CA ILE A 332 7.75 -8.03 2.64
C ILE A 332 7.24 -9.47 2.62
N LYS A 333 6.24 -9.75 1.80
CA LYS A 333 5.73 -11.12 1.71
C LYS A 333 6.77 -12.12 1.27
N ALA A 334 7.80 -11.69 0.52
CA ALA A 334 8.90 -12.58 0.17
C ALA A 334 9.65 -13.20 1.34
N ILE A 335 9.67 -12.52 2.50
CA ILE A 335 10.37 -12.94 3.69
C ILE A 335 9.45 -13.19 4.90
N ALA A 336 8.16 -12.90 4.76
CA ALA A 336 7.18 -13.12 5.84
C ALA A 336 6.28 -14.27 5.47
N GLN A 337 6.20 -15.29 6.31
CA GLN A 337 5.31 -16.42 5.93
C GLN A 337 3.85 -16.07 5.90
N GLU A 338 3.42 -15.27 6.82
CA GLU A 338 2.06 -14.70 6.86
C GLU A 338 2.15 -13.18 7.07
N LEU A 339 1.31 -12.48 6.34
CA LEU A 339 1.29 -11.05 6.40
C LEU A 339 -0.14 -10.54 6.25
N ILE A 340 -0.51 -9.56 7.07
CA ILE A 340 -1.73 -8.86 6.91
C ILE A 340 -1.48 -7.36 7.06
N GLU A 341 -2.45 -6.59 6.65
CA GLU A 341 -2.45 -5.14 6.85
C GLU A 341 -3.67 -4.81 7.73
N LEU A 342 -3.48 -3.87 8.63
CA LEU A 342 -4.48 -3.57 9.63
C LEU A 342 -4.25 -2.18 10.15
N GLY A 343 -5.23 -1.34 9.95
CA GLY A 343 -5.16 0.05 10.47
C GLY A 343 -6.51 0.70 10.48
N PRO A 344 -6.54 1.99 10.72
CA PRO A 344 -7.83 2.67 10.79
C PRO A 344 -8.51 2.96 9.45
N SER A 345 -9.53 3.79 9.45
CA SER A 345 -10.21 4.09 8.22
C SER A 345 -9.32 4.73 7.14
N ASN A 346 -9.42 4.24 5.92
CA ASN A 346 -8.71 4.83 4.82
C ASN A 346 -9.51 5.84 3.99
N ALA A 347 -10.66 6.22 4.48
CA ALA A 347 -11.56 7.11 3.76
C ALA A 347 -10.93 8.46 3.34
N THR A 348 -10.17 9.04 4.24
CA THR A 348 -9.59 10.40 4.03
C THR A 348 -8.13 10.45 3.64
N ILE A 349 -7.54 9.31 3.29
CA ILE A 349 -6.13 9.30 2.94
C ILE A 349 -5.83 10.08 1.67
N HIS A 350 -4.69 10.78 1.69
CA HIS A 350 -4.19 11.51 0.53
C HIS A 350 -5.12 12.69 0.15
N GLN A 351 -5.97 13.12 1.06
CA GLN A 351 -6.94 14.18 0.85
C GLN A 351 -6.76 15.31 1.87
N ILE A 352 -7.36 16.47 1.61
CA ILE A 352 -7.36 17.53 2.60
C ILE A 352 -8.17 17.12 3.81
N ASN A 353 -7.80 17.60 4.99
CA ASN A 353 -8.55 17.31 6.22
C ASN A 353 -8.58 15.81 6.53
N GLU A 354 -7.45 15.17 6.25
CA GLU A 354 -7.23 13.78 6.65
C GLU A 354 -7.39 13.65 8.14
N ASN A 355 -8.00 12.56 8.60
CA ASN A 355 -8.28 12.40 10.03
C ASN A 355 -8.46 10.99 10.47
N VAL A 356 -8.42 10.80 11.76
CA VAL A 356 -8.74 9.52 12.37
C VAL A 356 -9.68 9.79 13.57
N ARG A 357 -10.66 8.93 13.79
CA ARG A 357 -11.52 9.06 14.96
C ARG A 357 -10.69 8.90 16.20
N LEU A 358 -10.81 9.81 17.15
CA LEU A 358 -10.09 9.67 18.41
C LEU A 358 -10.34 8.38 19.19
N ASN A 359 -11.57 7.92 19.27
CA ASN A 359 -11.82 6.69 19.99
C ASN A 359 -11.15 5.48 19.36
N ASP A 360 -10.89 5.58 18.05
CA ASP A 360 -10.17 4.46 17.38
C ASP A 360 -8.69 4.30 17.75
N ILE A 361 -8.05 5.37 18.25
CA ILE A 361 -6.62 5.32 18.55
C ILE A 361 -6.17 4.40 19.68
N PRO A 362 -6.77 4.51 20.90
CA PRO A 362 -6.36 3.49 21.83
C PRO A 362 -6.90 2.08 21.48
N LYS A 363 -8.03 2.00 20.79
CA LYS A 363 -8.51 0.70 20.34
C LYS A 363 -7.53 0.01 19.36
N LEU A 364 -6.98 0.76 18.41
CA LEU A 364 -6.02 0.21 17.53
C LEU A 364 -4.84 -0.34 18.25
N SER A 365 -4.29 0.42 19.19
CA SER A 365 -3.15 -0.06 19.95
C SER A 365 -3.47 -1.31 20.74
N ALA A 366 -4.68 -1.38 21.30
CA ALA A 366 -5.08 -2.55 22.07
C ALA A 366 -5.28 -3.74 21.11
N VAL A 367 -5.70 -3.47 19.87
CA VAL A 367 -5.69 -4.61 18.87
C VAL A 367 -4.32 -5.13 18.60
N TYR A 368 -3.34 -4.23 18.37
CA TYR A 368 -1.98 -4.67 18.11
C TYR A 368 -1.40 -5.39 19.32
N GLU A 369 -1.70 -4.89 20.51
CA GLU A 369 -1.20 -5.54 21.70
C GLU A 369 -1.78 -6.98 21.88
N GLY A 370 -3.06 -7.11 21.54
CA GLY A 370 -3.77 -8.41 21.46
C GLY A 370 -3.14 -9.38 20.49
N ILE A 371 -2.70 -8.89 19.33
CA ILE A 371 -2.02 -9.72 18.40
C ILE A 371 -0.70 -10.19 18.95
N LEU A 372 0.08 -9.28 19.54
CA LEU A 372 1.36 -9.66 20.03
C LEU A 372 1.20 -10.78 21.09
N ALA A 373 0.21 -10.61 21.93
CA ALA A 373 -0.03 -11.54 23.05
C ALA A 373 -0.46 -12.89 22.55
N ARG A 374 -1.18 -12.93 21.45
CA ARG A 374 -1.61 -14.23 20.89
C ARG A 374 -0.54 -14.87 20.05
N LEU A 375 0.47 -14.10 19.58
CA LEU A 375 1.50 -14.78 18.86
C LEU A 375 2.76 -15.13 19.69
N LEU A 376 3.03 -14.41 20.77
CA LEU A 376 4.35 -14.53 21.41
C LEU A 376 4.20 -15.17 22.84
O1 X8Z B . -4.67 2.30 0.99
C4 X8Z B . -3.93 2.86 0.20
C2 X8Z B . -2.45 2.87 0.43
C1 X8Z B . -2.07 4.08 1.29
S X8Z B . -0.29 4.44 1.25
C3 X8Z B . -2.03 1.57 1.11
N X8Z B . -4.36 3.48 -0.89
C8 X8Z B . -5.79 3.58 -1.17
C9 X8Z B . -6.47 2.25 -1.03
O3 X8Z B . -7.63 2.17 -0.68
O2 X8Z B . -5.80 1.13 -1.30
C5 X8Z B . -3.54 4.13 -1.90
C6 X8Z B . -4.47 4.40 -3.07
C7 X8Z B . -5.88 4.05 -2.61
S SO4 C . -1.20 2.55 -6.30
O1 SO4 C . -1.80 3.65 -5.55
O2 SO4 C . -1.95 1.33 -5.95
O3 SO4 C . 0.20 2.62 -5.89
O4 SO4 C . -1.18 2.82 -7.72
ZN ZN D . 0.34 4.34 3.49
ZN ZN E . -0.51 6.71 1.25
#